data_5Y92
#
_entry.id   5Y92
#
_cell.length_a   103.189
_cell.length_b   103.189
_cell.length_c   121.738
_cell.angle_alpha   90.00
_cell.angle_beta   90.00
_cell.angle_gamma   90.00
#
_symmetry.space_group_name_H-M   'I 4'
#
loop_
_entity.id
_entity.type
_entity.pdbx_description
1 polymer 'Receptor-like protein kinase ANXUR2'
2 branched beta-D-mannopyranose-(1-4)-2-acetamido-2-deoxy-beta-D-glucopyranose-(1-4)-2-acetamido-2-deoxy-beta-D-glucopyranose
3 branched 2-acetamido-2-deoxy-beta-D-glucopyranose-(1-4)-2-acetamido-2-deoxy-beta-D-glucopyranose
4 non-polymer 2-acetamido-2-deoxy-beta-D-glucopyranose
5 water water
#
_entity_poly.entity_id   1
_entity_poly.type   'polypeptide(L)'
_entity_poly.pdbx_seq_one_letter_code
;QDISLSCGASEPAVDQDKKKWEPDTKFLKTPNTVHAPATYQDPSLLSTVPYMTSRIFTAPATYEIPVKGDKRHMLRLHFY
PSTYTGLNILDSYFSVAANDLTLLSNFSAAITCQALTQAYLVREYSLAPSEKDVLSIIFTPSDKHPKAFAFINGIEVIPM
PELFDTASLVGFSDQTSDTKTANLQTMFRLNVGGQDIPGSQDSGGLTRTWYNDAPYIFSAGLGVTLQASNNFRIDYQKMP
VSTAPADVYKTARSQGPNGDINMKSNLTWMFQVDTNFTYIMRLHFCEFQLAKINQKVFNIFINNRTAQGDTNPADILGWT
GGKGIPTYKDYAIYVDANTGGGGEEISLQMTPSTFGQPEYYDSQLNGLEIFKIDTMKNLAGPNPKPS
;
_entity_poly.pdbx_strand_id   A
#
loop_
_chem_comp.id
_chem_comp.type
_chem_comp.name
_chem_comp.formula
BMA D-saccharide, beta linking beta-D-mannopyranose 'C6 H12 O6'
NAG D-saccharide, beta linking 2-acetamido-2-deoxy-beta-D-glucopyranose 'C8 H15 N O6'
#
# COMPACT_ATOMS: atom_id res chain seq x y z
N GLN A 1 -5.29 16.03 13.92
CA GLN A 1 -5.20 16.72 12.64
C GLN A 1 -5.72 15.83 11.51
N ASP A 2 -5.99 14.56 11.82
CA ASP A 2 -6.64 13.67 10.88
C ASP A 2 -8.11 14.04 10.70
N ILE A 3 -8.62 13.80 9.50
CA ILE A 3 -10.04 13.95 9.19
C ILE A 3 -10.52 12.59 8.70
N SER A 4 -11.40 11.95 9.46
CA SER A 4 -11.91 10.61 9.16
C SER A 4 -13.42 10.73 9.05
N LEU A 5 -13.92 10.74 7.82
CA LEU A 5 -15.34 10.99 7.56
C LEU A 5 -16.06 9.68 7.27
N SER A 6 -17.12 9.41 8.00
CA SER A 6 -18.00 8.31 7.64
C SER A 6 -19.14 8.87 6.81
N CYS A 7 -19.13 8.57 5.51
CA CYS A 7 -20.06 9.19 4.60
C CYS A 7 -21.46 8.63 4.81
N GLY A 8 -22.44 9.53 4.92
CA GLY A 8 -23.80 9.09 5.19
C GLY A 8 -24.10 8.73 6.62
N ALA A 9 -23.20 9.02 7.56
CA ALA A 9 -23.48 8.76 8.97
C ALA A 9 -24.25 9.94 9.59
N SER A 10 -24.95 9.65 10.69
CA SER A 10 -25.75 10.62 11.43
C SER A 10 -25.00 11.28 12.57
N GLU A 11 -24.06 10.57 13.18
CA GLU A 11 -23.42 10.96 14.42
C GLU A 11 -21.98 10.47 14.38
N PRO A 12 -21.09 11.04 15.18
CA PRO A 12 -19.76 10.46 15.32
C PRO A 12 -19.83 9.06 15.90
N ALA A 13 -18.81 8.26 15.60
CA ALA A 13 -18.72 6.87 16.03
C ALA A 13 -17.27 6.42 15.95
N VAL A 14 -16.95 5.37 16.71
CA VAL A 14 -15.61 4.83 16.83
C VAL A 14 -15.62 3.39 16.33
N ASP A 15 -14.59 3.01 15.57
CA ASP A 15 -14.55 1.68 14.97
C ASP A 15 -13.93 0.69 15.96
N GLN A 16 -13.65 -0.52 15.49
CA GLN A 16 -13.07 -1.57 16.30
C GLN A 16 -11.58 -1.37 16.59
N ASP A 17 -10.93 -0.44 15.90
CA ASP A 17 -9.52 -0.12 16.14
C ASP A 17 -9.38 1.28 16.73
N LYS A 18 -10.40 1.70 17.50
CA LYS A 18 -10.46 2.93 18.30
C LYS A 18 -10.13 4.19 17.48
N LYS A 19 -10.55 4.20 16.22
CA LYS A 19 -10.53 5.40 15.39
C LYS A 19 -11.89 6.09 15.41
N LYS A 20 -11.89 7.40 15.60
CA LYS A 20 -13.11 8.19 15.68
C LYS A 20 -13.47 8.74 14.31
N TRP A 21 -14.69 8.46 13.87
CA TRP A 21 -15.21 8.95 12.59
C TRP A 21 -16.28 9.99 12.83
N GLU A 22 -16.33 11.01 11.95
CA GLU A 22 -17.32 12.06 12.04
C GLU A 22 -18.16 12.07 10.77
N PRO A 23 -19.40 12.57 10.84
CA PRO A 23 -20.21 12.68 9.61
C PRO A 23 -19.52 13.52 8.55
N ASP A 24 -19.69 13.12 7.29
CA ASP A 24 -19.14 13.83 6.12
C ASP A 24 -19.89 15.13 5.81
N THR A 25 -20.95 15.47 6.54
CA THR A 25 -21.85 16.53 6.09
C THR A 25 -21.13 17.86 5.94
N LYS A 26 -20.33 18.26 6.94
CA LYS A 26 -19.72 19.58 6.94
C LYS A 26 -18.78 19.80 5.76
N PHE A 27 -18.24 18.75 5.15
CA PHE A 27 -17.28 18.88 4.06
C PHE A 27 -17.89 18.65 2.68
N LEU A 28 -19.16 18.25 2.61
CA LEU A 28 -19.79 17.97 1.32
C LEU A 28 -20.40 19.25 0.78
N LYS A 29 -19.87 19.73 -0.35
CA LYS A 29 -20.35 21.00 -0.89
C LYS A 29 -21.58 20.84 -1.78
N THR A 30 -21.96 19.62 -2.14
CA THR A 30 -23.08 19.41 -3.04
C THR A 30 -24.33 19.12 -2.24
N PRO A 31 -25.39 19.90 -2.40
CA PRO A 31 -26.60 19.70 -1.59
C PRO A 31 -27.47 18.58 -2.11
N ASN A 32 -28.40 18.15 -1.26
CA ASN A 32 -29.51 17.27 -1.62
C ASN A 32 -29.07 15.88 -2.05
N THR A 33 -27.86 15.46 -1.69
CA THR A 33 -27.44 14.10 -2.00
C THR A 33 -28.10 13.12 -1.03
N VAL A 34 -28.12 11.86 -1.44
CA VAL A 34 -28.79 10.79 -0.72
C VAL A 34 -27.80 10.02 0.13
N HIS A 35 -28.20 9.69 1.35
CA HIS A 35 -27.46 8.70 2.12
C HIS A 35 -28.27 7.42 2.17
N ALA A 36 -27.58 6.30 2.38
CA ALA A 36 -28.28 5.04 2.39
C ALA A 36 -27.57 4.05 3.29
N PRO A 37 -28.29 3.35 4.17
CA PRO A 37 -27.67 2.27 4.93
C PRO A 37 -27.52 1.02 4.08
N ALA A 38 -26.42 0.30 4.27
CA ALA A 38 -26.31 -1.05 3.74
C ALA A 38 -27.27 -1.96 4.50
N THR A 39 -27.94 -2.84 3.76
CA THR A 39 -28.96 -3.72 4.32
C THR A 39 -28.44 -5.11 4.62
N TYR A 40 -27.12 -5.28 4.64
CA TYR A 40 -26.50 -6.56 4.98
C TYR A 40 -25.16 -6.28 5.63
N GLN A 41 -24.86 -6.98 6.71
CA GLN A 41 -23.60 -6.83 7.45
C GLN A 41 -22.75 -8.07 7.18
N ASP A 42 -21.84 -7.95 6.23
CA ASP A 42 -20.99 -9.08 5.88
C ASP A 42 -20.18 -9.54 7.09
N PRO A 43 -20.03 -10.85 7.31
CA PRO A 43 -19.26 -11.32 8.47
C PRO A 43 -17.81 -10.87 8.44
N SER A 44 -17.28 -10.53 7.26
CA SER A 44 -15.89 -10.12 7.14
C SER A 44 -15.64 -8.71 7.67
N LEU A 45 -16.69 -7.92 7.90
CA LEU A 45 -16.47 -6.55 8.35
C LEU A 45 -15.95 -6.53 9.78
N LEU A 46 -14.85 -5.80 10.00
CA LEU A 46 -14.33 -5.66 11.34
C LEU A 46 -15.08 -4.63 12.16
N SER A 47 -15.92 -3.82 11.53
CA SER A 47 -16.74 -2.84 12.22
C SER A 47 -17.84 -2.36 11.28
N THR A 48 -18.93 -1.88 11.86
CA THR A 48 -19.95 -1.21 11.06
C THR A 48 -19.54 0.20 10.67
N VAL A 49 -18.44 0.73 11.22
CA VAL A 49 -18.03 2.11 10.98
C VAL A 49 -16.70 2.10 10.23
N PRO A 50 -16.67 2.71 9.03
CA PRO A 50 -17.78 3.48 8.42
C PRO A 50 -18.65 2.73 7.40
N TYR A 51 -18.44 1.42 7.28
CA TYR A 51 -18.93 0.69 6.10
C TYR A 51 -20.46 0.65 6.01
N MET A 52 -21.16 0.64 7.15
CA MET A 52 -22.61 0.44 7.12
C MET A 52 -23.40 1.66 6.68
N THR A 53 -22.77 2.81 6.58
CA THR A 53 -23.39 4.02 6.05
C THR A 53 -22.67 4.45 4.78
N SER A 54 -23.45 4.91 3.82
CA SER A 54 -22.92 5.35 2.53
C SER A 54 -23.57 6.66 2.13
N ARG A 55 -22.89 7.35 1.21
CA ARG A 55 -23.54 8.37 0.40
C ARG A 55 -23.60 7.88 -1.04
N ILE A 56 -24.74 8.14 -1.69
CA ILE A 56 -25.01 7.63 -3.04
C ILE A 56 -25.24 8.81 -3.98
N PHE A 57 -24.40 8.93 -5.00
CA PHE A 57 -24.49 10.05 -5.94
C PHE A 57 -25.06 9.57 -7.27
N THR A 58 -26.10 10.23 -7.75
CA THR A 58 -26.58 10.00 -9.11
C THR A 58 -26.23 11.16 -10.04
N ALA A 59 -25.60 12.18 -9.51
CA ALA A 59 -25.06 13.33 -10.23
C ALA A 59 -23.67 13.58 -9.63
N PRO A 60 -22.82 14.39 -10.25
CA PRO A 60 -21.50 14.66 -9.65
C PRO A 60 -21.63 15.32 -8.28
N ALA A 61 -20.69 14.98 -7.39
CA ALA A 61 -20.63 15.60 -6.07
C ALA A 61 -19.17 15.88 -5.70
N THR A 62 -18.99 16.92 -4.89
CA THR A 62 -17.67 17.43 -4.55
C THR A 62 -17.56 17.57 -3.04
N TYR A 63 -16.51 16.99 -2.47
CA TYR A 63 -16.08 17.29 -1.12
C TYR A 63 -14.97 18.33 -1.16
N GLU A 64 -14.96 19.22 -0.17
CA GLU A 64 -13.88 20.18 0.03
C GLU A 64 -13.34 20.02 1.43
N ILE A 65 -12.10 19.54 1.55
CA ILE A 65 -11.49 19.21 2.83
C ILE A 65 -10.28 20.11 3.01
N PRO A 66 -10.15 20.84 4.13
CA PRO A 66 -9.02 21.75 4.28
C PRO A 66 -7.73 20.97 4.50
N VAL A 67 -6.69 21.39 3.79
CA VAL A 67 -5.37 20.78 3.90
C VAL A 67 -4.36 21.90 3.97
N LYS A 68 -3.24 21.60 4.58
CA LYS A 68 -2.15 22.54 4.60
C LYS A 68 -1.36 22.36 3.29
N GLY A 69 -1.21 23.46 2.55
CA GLY A 69 -0.79 23.39 1.15
C GLY A 69 0.59 22.81 0.84
N ASP A 70 1.55 22.92 1.74
CA ASP A 70 2.88 22.37 1.49
C ASP A 70 3.15 21.02 2.14
N LYS A 71 2.16 20.42 2.79
CA LYS A 71 2.38 19.12 3.42
C LYS A 71 1.78 18.01 2.57
N ARG A 72 2.41 16.84 2.65
CA ARG A 72 1.94 15.64 1.99
C ARG A 72 0.77 15.06 2.77
N HIS A 73 -0.17 14.43 2.05
CA HIS A 73 -1.38 13.89 2.65
C HIS A 73 -1.66 12.49 2.16
N MET A 74 -1.96 11.59 3.10
CA MET A 74 -2.58 10.32 2.77
C MET A 74 -4.09 10.54 2.56
N LEU A 75 -4.64 9.95 1.52
CA LEU A 75 -6.07 9.95 1.24
C LEU A 75 -6.54 8.51 1.18
N ARG A 76 -7.60 8.18 1.92
CA ARG A 76 -8.17 6.85 1.91
C ARG A 76 -9.65 6.94 1.53
N LEU A 77 -10.06 6.14 0.54
CA LEU A 77 -11.45 6.02 0.14
C LEU A 77 -11.93 4.61 0.48
N HIS A 78 -13.04 4.53 1.21
CA HIS A 78 -13.56 3.28 1.74
C HIS A 78 -14.84 2.92 0.98
N PHE A 79 -14.91 1.68 0.47
CA PHE A 79 -16.03 1.26 -0.36
C PHE A 79 -16.54 -0.08 0.15
N TYR A 80 -17.85 -0.16 0.38
CA TYR A 80 -18.53 -1.38 0.81
C TYR A 80 -19.60 -1.67 -0.23
N PRO A 81 -19.28 -2.41 -1.27
CA PRO A 81 -20.26 -2.63 -2.36
C PRO A 81 -21.32 -3.66 -1.99
N SER A 82 -22.21 -3.27 -1.07
CA SER A 82 -23.19 -4.21 -0.55
C SER A 82 -24.53 -3.97 -1.22
N THR A 83 -25.61 -4.35 -0.52
CA THR A 83 -26.95 -4.08 -1.00
C THR A 83 -27.44 -2.78 -0.39
N TYR A 84 -28.02 -1.93 -1.23
CA TYR A 84 -28.68 -0.70 -0.81
C TYR A 84 -30.03 -0.68 -1.51
N THR A 85 -31.12 -0.65 -0.72
CA THR A 85 -32.42 -0.98 -1.28
C THR A 85 -32.76 -0.07 -2.47
N GLY A 86 -33.31 -0.67 -3.51
CA GLY A 86 -33.62 0.04 -4.73
C GLY A 86 -32.45 0.20 -5.70
N LEU A 87 -31.26 -0.26 -5.33
CA LEU A 87 -30.10 -0.12 -6.20
C LEU A 87 -29.50 -1.48 -6.49
N ASN A 88 -28.99 -1.66 -7.70
CA ASN A 88 -28.16 -2.81 -8.04
C ASN A 88 -26.70 -2.34 -8.01
N ILE A 89 -25.90 -2.93 -7.13
CA ILE A 89 -24.54 -2.45 -6.90
C ILE A 89 -23.67 -2.67 -8.13
N LEU A 90 -24.07 -3.58 -9.02
CA LEU A 90 -23.37 -3.85 -10.26
C LEU A 90 -23.58 -2.74 -11.30
N ASP A 91 -24.52 -1.83 -11.07
CA ASP A 91 -24.67 -0.68 -11.94
C ASP A 91 -23.75 0.48 -11.55
N SER A 92 -22.96 0.33 -10.51
CA SER A 92 -22.13 1.44 -10.05
C SER A 92 -20.84 1.46 -10.87
N TYR A 93 -20.64 2.53 -11.64
CA TYR A 93 -19.39 2.81 -12.34
C TYR A 93 -19.16 4.31 -12.23
N PHE A 94 -17.98 4.71 -11.77
CA PHE A 94 -17.77 6.13 -11.57
C PHE A 94 -16.28 6.47 -11.50
N SER A 95 -16.02 7.77 -11.52
CA SER A 95 -14.68 8.32 -11.40
C SER A 95 -14.57 9.12 -10.12
N VAL A 96 -13.34 9.21 -9.61
CA VAL A 96 -13.00 10.04 -8.47
C VAL A 96 -11.73 10.80 -8.81
N ALA A 97 -11.74 12.11 -8.54
CA ALA A 97 -10.56 12.96 -8.72
C ALA A 97 -10.25 13.67 -7.40
N ALA A 98 -8.96 13.84 -7.14
CA ALA A 98 -8.46 14.71 -6.07
C ALA A 98 -7.78 15.89 -6.76
N ASN A 99 -8.41 17.07 -6.67
CA ASN A 99 -7.96 18.23 -7.45
C ASN A 99 -7.92 17.78 -8.91
N ASP A 100 -6.85 18.04 -9.66
CA ASP A 100 -6.78 17.68 -11.07
C ASP A 100 -6.24 16.27 -11.32
N LEU A 101 -6.14 15.42 -10.30
CA LEU A 101 -5.58 14.09 -10.43
C LEU A 101 -6.70 13.05 -10.44
N THR A 102 -6.78 12.27 -11.52
CA THR A 102 -7.74 11.17 -11.59
C THR A 102 -7.24 9.99 -10.76
N LEU A 103 -8.05 9.61 -9.78
CA LEU A 103 -7.74 8.48 -8.90
C LEU A 103 -8.37 7.20 -9.42
N LEU A 104 -9.68 7.26 -9.71
CA LEU A 104 -10.47 6.14 -10.18
C LEU A 104 -11.25 6.58 -11.40
N SER A 105 -11.49 5.64 -12.31
CA SER A 105 -12.22 5.94 -13.54
C SER A 105 -12.93 4.67 -14.00
N ASN A 106 -14.20 4.79 -14.38
CA ASN A 106 -14.99 3.62 -14.73
C ASN A 106 -14.85 2.53 -13.66
N PHE A 107 -14.84 2.98 -12.41
CA PHE A 107 -14.55 2.12 -11.27
C PHE A 107 -15.78 1.34 -10.82
N SER A 108 -15.63 0.02 -10.77
CA SER A 108 -16.65 -0.87 -10.21
C SER A 108 -16.10 -1.47 -8.92
N ALA A 109 -16.52 -0.92 -7.79
CA ALA A 109 -16.11 -1.51 -6.51
C ALA A 109 -16.61 -2.94 -6.38
N ALA A 110 -17.76 -3.25 -6.99
CA ALA A 110 -18.31 -4.60 -6.89
C ALA A 110 -17.44 -5.60 -7.65
N ILE A 111 -17.09 -5.29 -8.89
CA ILE A 111 -16.24 -6.18 -9.67
C ILE A 111 -14.85 -6.28 -9.04
N THR A 112 -14.33 -5.17 -8.52
CA THR A 112 -12.99 -5.20 -7.92
C THR A 112 -12.97 -6.05 -6.66
N CYS A 113 -14.04 -5.99 -5.86
CA CYS A 113 -14.10 -6.80 -4.65
C CYS A 113 -14.34 -8.28 -4.99
N GLN A 114 -15.12 -8.56 -6.03
CA GLN A 114 -15.32 -9.96 -6.43
C GLN A 114 -14.01 -10.60 -6.85
N ALA A 115 -13.12 -9.83 -7.49
CA ALA A 115 -11.85 -10.38 -7.94
C ALA A 115 -10.91 -10.65 -6.79
N LEU A 116 -10.95 -9.82 -5.75
CA LEU A 116 -10.10 -10.01 -4.58
C LEU A 116 -10.71 -10.93 -3.53
N THR A 117 -11.94 -11.40 -3.74
CA THR A 117 -12.72 -12.12 -2.73
C THR A 117 -12.77 -11.34 -1.41
N GLN A 118 -13.09 -10.06 -1.53
CA GLN A 118 -13.20 -9.16 -0.39
C GLN A 118 -14.61 -8.59 -0.34
N ALA A 119 -15.09 -8.28 0.88
CA ALA A 119 -16.40 -7.65 1.03
C ALA A 119 -16.33 -6.13 1.00
N TYR A 120 -15.15 -5.55 1.23
CA TYR A 120 -14.99 -4.11 1.20
C TYR A 120 -13.59 -3.83 0.68
N LEU A 121 -13.36 -2.55 0.39
CA LEU A 121 -12.15 -2.18 -0.34
C LEU A 121 -11.75 -0.80 0.15
N VAL A 122 -10.45 -0.61 0.38
CA VAL A 122 -9.89 0.67 0.77
C VAL A 122 -8.82 1.06 -0.23
N ARG A 123 -9.02 2.20 -0.89
CA ARG A 123 -8.02 2.74 -1.82
C ARG A 123 -7.25 3.84 -1.12
N GLU A 124 -5.93 3.73 -1.12
CA GLU A 124 -5.09 4.63 -0.35
C GLU A 124 -4.11 5.33 -1.27
N TYR A 125 -4.00 6.64 -1.13
CA TYR A 125 -3.14 7.46 -1.96
C TYR A 125 -2.31 8.36 -1.07
N SER A 126 -1.13 8.71 -1.55
CA SER A 126 -0.26 9.69 -0.90
C SER A 126 -0.10 10.85 -1.88
N LEU A 127 -0.65 12.01 -1.54
CA LEU A 127 -0.70 13.14 -2.42
C LEU A 127 0.41 14.13 -2.05
N ALA A 128 1.23 14.51 -3.05
CA ALA A 128 2.27 15.48 -2.84
C ALA A 128 1.68 16.83 -2.43
N PRO A 129 2.49 17.72 -1.86
CA PRO A 129 2.02 19.08 -1.52
C PRO A 129 1.32 19.74 -2.71
N SER A 130 0.14 20.30 -2.43
CA SER A 130 -0.72 20.85 -3.48
C SER A 130 -0.59 22.36 -3.65
N GLU A 131 -0.09 23.06 -2.63
CA GLU A 131 -0.02 24.52 -2.53
C GLU A 131 -1.40 25.16 -2.41
N LYS A 132 -2.48 24.37 -2.33
CA LYS A 132 -3.82 24.85 -2.03
C LYS A 132 -4.19 24.55 -0.59
N ASP A 133 -5.10 25.34 -0.05
CA ASP A 133 -5.66 25.16 1.28
C ASP A 133 -6.87 24.22 1.29
N VAL A 134 -7.27 23.69 0.13
CA VAL A 134 -8.45 22.84 0.03
C VAL A 134 -8.12 21.67 -0.90
N LEU A 135 -8.47 20.47 -0.46
CA LEU A 135 -8.44 19.28 -1.30
C LEU A 135 -9.86 19.01 -1.78
N SER A 136 -10.07 19.11 -3.09
CA SER A 136 -11.38 18.88 -3.69
C SER A 136 -11.45 17.44 -4.19
N ILE A 137 -12.41 16.68 -3.66
CA ILE A 137 -12.61 15.29 -4.03
C ILE A 137 -13.91 15.21 -4.80
N ILE A 138 -13.84 14.85 -6.08
CA ILE A 138 -15.01 14.93 -6.97
C ILE A 138 -15.39 13.52 -7.40
N PHE A 139 -16.63 13.13 -7.11
CA PHE A 139 -17.19 11.85 -7.55
C PHE A 139 -18.05 12.11 -8.78
N THR A 140 -17.80 11.36 -9.85
CA THR A 140 -18.54 11.54 -11.10
C THR A 140 -19.03 10.20 -11.64
N PRO A 141 -20.35 9.96 -11.63
CA PRO A 141 -20.87 8.71 -12.18
C PRO A 141 -20.61 8.61 -13.68
N SER A 142 -20.42 7.38 -14.14
CA SER A 142 -20.21 7.14 -15.56
C SER A 142 -21.40 7.64 -16.39
N ASP A 143 -21.10 8.40 -17.44
CA ASP A 143 -22.17 8.74 -18.38
C ASP A 143 -22.28 7.71 -19.52
N LYS A 144 -21.52 6.63 -19.45
CA LYS A 144 -21.57 5.58 -20.46
C LYS A 144 -22.59 4.49 -20.14
N HIS A 145 -22.81 4.21 -18.87
CA HIS A 145 -23.76 3.22 -18.42
C HIS A 145 -24.99 3.95 -17.88
N PRO A 146 -26.23 3.68 -18.30
CA PRO A 146 -27.35 4.33 -17.63
C PRO A 146 -27.65 3.53 -16.37
N LYS A 147 -28.31 4.19 -15.41
CA LYS A 147 -28.42 3.70 -14.04
C LYS A 147 -27.10 3.86 -13.27
N ALA A 148 -26.04 4.35 -13.91
CA ALA A 148 -24.75 4.45 -13.22
C ALA A 148 -24.86 5.40 -12.04
N PHE A 149 -24.36 4.95 -10.89
CA PHE A 149 -24.24 5.80 -9.73
C PHE A 149 -22.89 5.60 -9.08
N ALA A 150 -22.50 6.60 -8.28
CA ALA A 150 -21.30 6.56 -7.46
C ALA A 150 -21.68 6.40 -6.00
N PHE A 151 -20.75 5.85 -5.22
CA PHE A 151 -21.02 5.69 -3.79
C PHE A 151 -19.70 5.74 -3.03
N ILE A 152 -19.79 6.12 -1.76
CA ILE A 152 -18.64 6.22 -0.87
C ILE A 152 -19.11 5.97 0.55
N ASN A 153 -18.30 5.25 1.32
CA ASN A 153 -18.62 4.95 2.71
C ASN A 153 -17.73 5.67 3.71
N GLY A 154 -16.48 5.94 3.34
CA GLY A 154 -15.58 6.66 4.21
C GLY A 154 -14.52 7.42 3.43
N ILE A 155 -14.11 8.57 3.94
CA ILE A 155 -13.00 9.34 3.37
C ILE A 155 -12.11 9.78 4.51
N GLU A 156 -10.81 9.51 4.40
CA GLU A 156 -9.82 9.97 5.35
C GLU A 156 -8.80 10.85 4.63
N VAL A 157 -8.46 11.98 5.24
CA VAL A 157 -7.34 12.81 4.84
C VAL A 157 -6.43 12.91 6.04
N ILE A 158 -5.17 12.50 5.87
CA ILE A 158 -4.23 12.30 6.97
C ILE A 158 -2.90 12.98 6.61
N PRO A 159 -2.49 14.02 7.33
CA PRO A 159 -1.20 14.64 7.04
C PRO A 159 -0.07 13.64 7.32
N MET A 160 0.96 13.66 6.49
CA MET A 160 2.03 12.68 6.63
C MET A 160 3.35 13.34 6.25
N PRO A 161 4.49 12.79 6.72
CA PRO A 161 5.78 13.39 6.36
C PRO A 161 6.17 13.11 4.92
N GLU A 162 7.28 13.71 4.49
CA GLU A 162 7.83 13.48 3.15
C GLU A 162 8.69 12.22 3.15
N LEU A 163 8.02 11.07 3.20
CA LEU A 163 8.71 9.79 3.32
C LEU A 163 9.33 9.31 2.01
N PHE A 164 9.15 10.02 0.91
CA PHE A 164 9.61 9.58 -0.40
C PHE A 164 10.70 10.50 -0.89
N ASP A 165 11.77 9.93 -1.43
CA ASP A 165 12.89 10.73 -1.90
C ASP A 165 13.31 10.28 -3.30
N THR A 166 14.12 9.22 -3.38
CA THR A 166 14.62 8.69 -4.64
C THR A 166 14.41 7.19 -4.68
N ALA A 167 14.37 6.64 -5.90
CA ALA A 167 14.31 5.21 -6.10
C ALA A 167 15.38 4.80 -7.09
N SER A 168 15.96 3.63 -6.86
CA SER A 168 16.96 3.08 -7.77
C SER A 168 16.24 2.46 -8.94
N LEU A 169 16.63 2.82 -10.16
CA LEU A 169 15.94 2.32 -11.34
C LEU A 169 16.44 0.92 -11.69
N VAL A 170 15.54 -0.07 -11.58
CA VAL A 170 15.91 -1.47 -11.76
C VAL A 170 16.34 -1.70 -13.20
N GLY A 171 17.44 -2.44 -13.37
CA GLY A 171 17.97 -2.72 -14.69
C GLY A 171 18.83 -1.62 -15.27
N PHE A 172 19.26 -0.67 -14.43
CA PHE A 172 20.07 0.45 -14.89
C PHE A 172 21.20 0.67 -13.90
N SER A 173 22.41 0.80 -14.43
CA SER A 173 23.48 1.61 -13.82
C SER A 173 22.90 2.64 -12.87
N ASP A 174 23.59 2.86 -11.74
CA ASP A 174 23.35 3.93 -10.77
C ASP A 174 22.32 5.01 -11.12
N GLN A 175 21.33 4.70 -11.95
CA GLN A 175 20.32 5.66 -12.34
C GLN A 175 19.31 5.75 -11.21
N THR A 176 18.89 6.97 -10.91
CA THR A 176 18.07 7.27 -9.76
C THR A 176 16.93 8.16 -10.22
N SER A 177 15.72 7.85 -9.75
CA SER A 177 14.53 8.62 -10.08
C SER A 177 14.05 9.34 -8.84
N ASP A 178 13.64 10.60 -9.03
CA ASP A 178 13.15 11.45 -7.95
C ASP A 178 11.65 11.21 -7.72
N THR A 179 11.29 10.93 -6.47
CA THR A 179 9.90 10.64 -6.11
C THR A 179 9.34 11.61 -5.07
N LYS A 180 10.06 12.71 -4.78
CA LYS A 180 9.67 13.57 -3.67
C LYS A 180 8.35 14.26 -3.93
N THR A 181 8.01 14.49 -5.19
CA THR A 181 6.76 15.15 -5.55
C THR A 181 5.77 14.20 -6.22
N ALA A 182 5.97 12.89 -6.11
CA ALA A 182 5.07 11.94 -6.75
C ALA A 182 3.75 11.85 -6.01
N ASN A 183 2.67 11.64 -6.77
CA ASN A 183 1.39 11.23 -6.23
C ASN A 183 1.29 9.72 -6.37
N LEU A 184 1.09 9.04 -5.26
CA LEU A 184 1.19 7.59 -5.20
C LEU A 184 -0.15 6.95 -4.88
N GLN A 185 -0.35 5.74 -5.41
CA GLN A 185 -1.36 4.83 -4.89
C GLN A 185 -0.65 3.67 -4.20
N THR A 186 -1.06 3.37 -2.97
CA THR A 186 -0.54 2.20 -2.28
C THR A 186 -1.09 0.94 -2.93
N MET A 187 -0.21 0.05 -3.37
CA MET A 187 -0.66 -1.22 -3.91
C MET A 187 -0.66 -2.31 -2.86
N PHE A 188 0.42 -2.40 -2.08
CA PHE A 188 0.58 -3.46 -1.09
C PHE A 188 1.43 -2.90 0.04
N ARG A 189 1.16 -3.39 1.24
CA ARG A 189 1.94 -2.96 2.41
C ARG A 189 2.02 -4.19 3.31
N LEU A 190 3.20 -4.79 3.35
CA LEU A 190 3.39 -6.09 3.98
C LEU A 190 4.35 -5.98 5.15
N ASN A 191 3.95 -6.57 6.29
CA ASN A 191 4.86 -6.86 7.39
C ASN A 191 5.46 -8.22 7.10
N VAL A 192 6.62 -8.25 6.45
CA VAL A 192 7.16 -9.52 5.98
C VAL A 192 7.57 -10.37 7.19
N GLY A 193 7.10 -11.62 7.21
CA GLY A 193 7.45 -12.57 8.23
C GLY A 193 6.82 -12.33 9.60
N GLY A 194 5.93 -11.34 9.72
CA GLY A 194 5.32 -11.08 11.02
C GLY A 194 3.80 -11.03 10.98
N GLN A 195 3.19 -10.58 12.07
CA GLN A 195 1.74 -10.50 12.18
C GLN A 195 1.21 -9.26 11.46
N ASP A 196 -0.07 -9.33 11.09
CA ASP A 196 -0.81 -8.12 10.73
C ASP A 196 -0.62 -7.05 11.81
N ILE A 197 -0.40 -5.82 11.38
CA ILE A 197 -0.31 -4.68 12.28
C ILE A 197 -1.51 -3.78 12.02
N PRO A 198 -2.45 -3.64 12.94
CA PRO A 198 -3.59 -2.75 12.68
C PRO A 198 -3.15 -1.30 12.78
N GLY A 199 -3.98 -0.43 12.20
CA GLY A 199 -3.68 0.99 12.17
C GLY A 199 -3.38 1.56 13.54
N SER A 200 -4.02 1.03 14.59
CA SER A 200 -3.77 1.56 15.93
C SER A 200 -2.35 1.29 16.41
N GLN A 201 -1.63 0.35 15.81
CA GLN A 201 -0.26 0.05 16.22
C GLN A 201 0.78 0.53 15.21
N ASP A 202 0.34 1.29 14.20
CA ASP A 202 1.24 1.90 13.24
C ASP A 202 2.00 3.07 13.88
N SER A 203 3.14 3.42 13.29
CA SER A 203 3.92 4.54 13.76
C SER A 203 3.53 5.84 13.04
N GLY A 204 3.99 6.96 13.59
CA GLY A 204 3.73 8.25 12.99
C GLY A 204 2.30 8.74 13.05
N GLY A 205 1.43 8.05 13.79
CA GLY A 205 0.01 8.39 13.77
C GLY A 205 -0.67 8.14 12.45
N LEU A 206 -0.06 7.37 11.55
CA LEU A 206 -0.54 7.29 10.18
C LEU A 206 -1.61 6.23 9.96
N THR A 207 -1.91 5.43 10.98
CA THR A 207 -2.90 4.34 10.99
C THR A 207 -2.89 3.50 9.70
N ARG A 208 -1.70 3.29 9.12
CA ARG A 208 -1.54 2.32 8.05
C ARG A 208 -1.65 0.91 8.60
N THR A 209 -2.16 0.02 7.75
CA THR A 209 -2.30 -1.40 8.08
C THR A 209 -1.22 -2.16 7.33
N TRP A 210 -0.50 -3.02 8.04
CA TRP A 210 0.58 -3.84 7.48
C TRP A 210 0.18 -5.31 7.54
N TYR A 211 0.14 -5.96 6.40
CA TYR A 211 -0.34 -7.34 6.32
C TYR A 211 0.81 -8.34 6.26
N ASN A 212 0.59 -9.49 6.88
CA ASN A 212 1.49 -10.63 6.71
C ASN A 212 1.62 -10.96 5.23
N ASP A 213 2.85 -11.31 4.83
CA ASP A 213 3.19 -11.46 3.42
C ASP A 213 2.91 -12.86 2.86
N ALA A 214 2.64 -13.85 3.71
CA ALA A 214 2.52 -15.23 3.22
C ALA A 214 1.53 -15.41 2.08
N PRO A 215 0.41 -14.66 2.00
CA PRO A 215 -0.51 -14.86 0.85
C PRO A 215 0.11 -14.53 -0.49
N TYR A 216 1.27 -13.87 -0.53
CA TYR A 216 1.90 -13.45 -1.77
C TYR A 216 3.17 -14.23 -2.10
N ILE A 217 3.53 -15.25 -1.32
CA ILE A 217 4.67 -16.11 -1.64
C ILE A 217 4.32 -17.02 -2.79
N PHE A 218 5.18 -17.05 -3.81
CA PHE A 218 5.00 -17.95 -4.94
C PHE A 218 6.10 -18.99 -5.10
N SER A 219 7.21 -18.88 -4.36
CA SER A 219 8.19 -19.95 -4.34
C SER A 219 7.60 -21.19 -3.68
N ALA A 220 8.12 -22.36 -4.07
CA ALA A 220 7.64 -23.61 -3.47
C ALA A 220 7.81 -23.60 -1.96
N GLY A 221 8.91 -23.04 -1.46
CA GLY A 221 9.17 -22.96 -0.04
C GLY A 221 8.86 -21.59 0.52
N LEU A 222 8.36 -21.57 1.76
CA LEU A 222 7.98 -20.36 2.47
C LEU A 222 9.14 -19.75 3.25
N GLY A 223 10.30 -20.41 3.29
CA GLY A 223 11.39 -19.87 4.08
C GLY A 223 11.13 -20.07 5.56
N VAL A 224 11.83 -19.26 6.36
CA VAL A 224 11.79 -19.33 7.82
C VAL A 224 11.49 -17.92 8.32
N THR A 225 10.49 -17.78 9.18
CA THR A 225 10.23 -16.48 9.78
C THR A 225 11.04 -16.29 11.04
N LEU A 226 11.44 -15.05 11.28
CA LEU A 226 12.24 -14.68 12.42
C LEU A 226 11.53 -13.59 13.20
N GLN A 227 11.54 -13.69 14.53
CA GLN A 227 10.89 -12.69 15.36
C GLN A 227 11.79 -12.36 16.54
N ALA A 228 12.11 -11.09 16.70
CA ALA A 228 12.87 -10.63 17.85
C ALA A 228 11.99 -10.64 19.10
N SER A 229 12.63 -10.70 20.26
CA SER A 229 11.89 -10.75 21.52
C SER A 229 11.04 -9.49 21.71
N ASN A 230 10.09 -9.59 22.65
CA ASN A 230 9.15 -8.50 22.88
C ASN A 230 9.86 -7.22 23.30
N ASN A 231 10.89 -7.33 24.14
CA ASN A 231 11.59 -6.17 24.68
C ASN A 231 12.67 -5.63 23.76
N PHE A 232 13.06 -6.39 22.74
CA PHE A 232 14.13 -5.93 21.87
C PHE A 232 13.79 -4.60 21.21
N ARG A 233 14.73 -3.66 21.31
CA ARG A 233 14.53 -2.29 20.84
C ARG A 233 15.11 -2.13 19.44
N ILE A 234 14.35 -1.52 18.54
CA ILE A 234 14.85 -1.10 17.24
C ILE A 234 15.42 0.31 17.39
N ASP A 235 16.67 0.48 16.96
CA ASP A 235 17.39 1.75 17.11
C ASP A 235 17.32 2.50 15.78
N TYR A 236 16.32 3.35 15.65
CA TYR A 236 16.06 4.07 14.41
C TYR A 236 17.18 5.04 14.04
N GLN A 237 18.02 5.41 15.01
CA GLN A 237 19.00 6.47 14.88
C GLN A 237 18.30 7.73 14.36
N LYS A 238 18.68 8.24 13.19
CA LYS A 238 18.02 9.43 12.67
C LYS A 238 17.00 9.12 11.57
N MET A 239 16.60 7.86 11.42
CA MET A 239 15.54 7.54 10.48
C MET A 239 14.19 7.88 11.11
N PRO A 240 13.31 8.58 10.39
CA PRO A 240 11.98 8.90 10.95
C PRO A 240 11.25 7.63 11.37
N VAL A 241 10.72 7.64 12.60
CA VAL A 241 9.97 6.48 13.08
C VAL A 241 8.67 6.30 12.31
N SER A 242 8.12 7.39 11.75
CA SER A 242 6.96 7.32 10.87
C SER A 242 7.22 6.47 9.62
N THR A 243 8.48 6.13 9.33
CA THR A 243 8.77 5.27 8.19
C THR A 243 8.02 3.95 8.26
N ALA A 244 8.05 3.32 9.42
CA ALA A 244 7.45 2.01 9.65
C ALA A 244 7.58 1.68 11.13
N PRO A 245 6.60 1.00 11.72
CA PRO A 245 6.66 0.71 13.16
C PRO A 245 7.67 -0.39 13.46
N ALA A 246 8.02 -0.49 14.75
CA ALA A 246 9.11 -1.37 15.17
C ALA A 246 8.83 -2.82 14.80
N ASP A 247 7.57 -3.25 14.90
CA ASP A 247 7.24 -4.65 14.64
C ASP A 247 7.44 -5.06 13.18
N VAL A 248 7.49 -4.11 12.25
CA VAL A 248 7.93 -4.45 10.89
C VAL A 248 9.41 -4.89 10.92
N TYR A 249 10.23 -4.13 11.64
CA TYR A 249 11.66 -4.43 11.65
C TYR A 249 12.03 -5.57 12.61
N LYS A 250 11.16 -5.89 13.58
CA LYS A 250 11.45 -6.96 14.53
C LYS A 250 11.04 -8.33 14.01
N THR A 251 10.51 -8.40 12.80
CA THR A 251 10.11 -9.65 12.17
C THR A 251 10.65 -9.67 10.75
N ALA A 252 10.90 -10.89 10.24
CA ALA A 252 11.46 -11.00 8.91
C ALA A 252 11.18 -12.39 8.35
N ARG A 253 11.19 -12.49 7.03
CA ARG A 253 11.23 -13.79 6.36
C ARG A 253 12.63 -14.00 5.79
N SER A 254 13.22 -15.17 6.07
CA SER A 254 14.53 -15.52 5.54
C SER A 254 14.41 -16.85 4.82
N GLN A 255 15.50 -17.30 4.19
CA GLN A 255 15.39 -18.60 3.53
C GLN A 255 15.62 -19.74 4.51
N GLY A 256 16.50 -19.56 5.50
CA GLY A 256 16.63 -20.50 6.57
C GLY A 256 18.05 -20.97 6.79
N PRO A 257 18.23 -21.95 7.69
CA PRO A 257 19.57 -22.29 8.15
C PRO A 257 20.33 -23.23 7.24
N ASN A 258 19.78 -23.62 6.12
CA ASN A 258 20.45 -24.64 5.34
C ASN A 258 20.94 -24.00 4.04
N GLY A 259 22.23 -23.62 4.06
CA GLY A 259 22.77 -22.77 3.02
C GLY A 259 22.84 -23.42 1.65
N ASP A 260 23.17 -24.71 1.59
CA ASP A 260 23.27 -25.36 0.29
C ASP A 260 21.94 -25.32 -0.46
N ILE A 261 20.82 -25.61 0.21
CA ILE A 261 19.53 -25.52 -0.48
C ILE A 261 19.18 -24.07 -0.79
N ASN A 262 19.52 -23.13 0.10
CA ASN A 262 19.17 -21.72 -0.15
C ASN A 262 19.78 -21.23 -1.47
N MET A 263 20.97 -21.72 -1.82
CA MET A 263 21.51 -21.39 -3.14
C MET A 263 20.71 -22.04 -4.26
N LYS A 264 19.91 -23.05 -3.96
CA LYS A 264 19.13 -23.77 -4.96
C LYS A 264 17.80 -23.10 -5.29
N SER A 265 17.56 -21.89 -4.79
CA SER A 265 16.19 -21.38 -4.88
C SER A 265 16.16 -19.89 -4.60
N ASN A 266 15.11 -19.25 -5.10
CA ASN A 266 14.71 -17.92 -4.66
C ASN A 266 13.58 -18.01 -3.64
N LEU A 267 13.60 -17.11 -2.67
CA LEU A 267 12.38 -16.67 -2.03
C LEU A 267 11.69 -15.72 -3.00
N THR A 268 10.39 -15.95 -3.26
CA THR A 268 9.71 -15.28 -4.37
C THR A 268 8.32 -14.82 -3.93
N TRP A 269 8.05 -13.53 -4.07
CA TRP A 269 6.73 -12.94 -3.95
C TRP A 269 6.28 -12.44 -5.33
N MET A 270 4.96 -12.46 -5.58
CA MET A 270 4.42 -11.92 -6.83
C MET A 270 3.13 -11.16 -6.52
N PHE A 271 2.87 -10.12 -7.31
CA PHE A 271 1.80 -9.18 -7.06
C PHE A 271 1.11 -8.83 -8.37
N GLN A 272 -0.21 -8.71 -8.34
CA GLN A 272 -0.91 -8.24 -9.52
C GLN A 272 -0.98 -6.72 -9.43
N VAL A 273 -0.68 -6.04 -10.53
CA VAL A 273 -0.73 -4.59 -10.59
C VAL A 273 -1.34 -4.16 -11.92
N ASP A 274 -1.55 -2.85 -12.06
CA ASP A 274 -2.00 -2.26 -13.31
C ASP A 274 -0.83 -2.00 -14.26
N THR A 275 -1.04 -2.28 -15.54
CA THR A 275 0.02 -2.06 -16.52
C THR A 275 0.16 -0.58 -16.86
N ASN A 276 1.32 -0.24 -17.40
CA ASN A 276 1.62 1.10 -17.93
C ASN A 276 1.79 2.11 -16.79
N PHE A 277 2.36 1.66 -15.67
CA PHE A 277 2.81 2.56 -14.61
C PHE A 277 4.19 2.14 -14.11
N THR A 278 4.89 3.09 -13.50
CA THR A 278 6.07 2.81 -12.70
C THR A 278 5.67 2.60 -11.25
N TYR A 279 6.27 1.59 -10.63
CA TYR A 279 6.01 1.26 -9.25
C TYR A 279 7.28 1.41 -8.45
N ILE A 280 7.14 1.95 -7.24
CA ILE A 280 8.21 1.96 -6.25
C ILE A 280 8.04 0.74 -5.38
N MET A 281 9.08 -0.04 -5.27
CA MET A 281 9.16 -1.14 -4.31
C MET A 281 10.05 -0.68 -3.15
N ARG A 282 9.45 -0.52 -1.98
CA ARG A 282 10.20 -0.17 -0.78
C ARG A 282 10.42 -1.44 0.03
N LEU A 283 11.68 -1.84 0.13
CA LEU A 283 12.08 -3.03 0.87
C LEU A 283 12.63 -2.58 2.21
N HIS A 284 12.03 -3.07 3.30
CA HIS A 284 12.47 -2.76 4.67
C HIS A 284 13.36 -3.85 5.22
N PHE A 285 14.41 -3.45 5.92
CA PHE A 285 15.41 -4.40 6.39
C PHE A 285 15.83 -4.05 7.81
N CYS A 286 16.14 -5.10 8.57
CA CYS A 286 16.77 -4.93 9.87
C CYS A 286 17.33 -6.28 10.28
N GLU A 287 18.63 -6.31 10.55
CA GLU A 287 19.30 -7.52 11.02
C GLU A 287 19.25 -7.56 12.54
N PHE A 288 18.64 -8.61 13.11
CA PHE A 288 18.63 -8.78 14.55
C PHE A 288 19.09 -10.17 14.95
N GLN A 289 19.55 -10.98 14.00
CA GLN A 289 20.00 -12.34 14.25
C GLN A 289 21.52 -12.46 14.18
N LEU A 290 22.13 -11.94 13.11
CA LEU A 290 23.56 -11.96 12.87
C LEU A 290 24.20 -10.67 13.36
N ALA A 291 25.53 -10.66 13.44
CA ALA A 291 26.23 -9.60 14.15
C ALA A 291 27.17 -8.75 13.30
N LYS A 292 27.69 -9.26 12.19
CA LYS A 292 28.72 -8.52 11.47
C LYS A 292 28.42 -8.45 9.98
N ILE A 293 29.06 -7.48 9.33
CA ILE A 293 29.06 -7.36 7.87
C ILE A 293 29.56 -8.67 7.24
N ASN A 294 29.13 -8.94 6.02
CA ASN A 294 29.59 -10.10 5.24
C ASN A 294 29.23 -11.43 5.89
N GLN A 295 28.10 -11.49 6.60
CA GLN A 295 27.60 -12.77 7.05
C GLN A 295 26.34 -13.19 6.32
N LYS A 296 25.49 -12.23 5.95
CA LYS A 296 24.28 -12.47 5.17
C LYS A 296 24.35 -11.54 3.98
N VAL A 297 24.48 -12.10 2.78
CA VAL A 297 24.73 -11.33 1.57
C VAL A 297 23.94 -11.99 0.46
N PHE A 298 23.06 -11.21 -0.19
CA PHE A 298 22.07 -11.82 -1.08
C PHE A 298 21.70 -10.88 -2.22
N ASN A 299 21.33 -11.49 -3.34
CA ASN A 299 20.86 -10.74 -4.48
C ASN A 299 19.35 -10.58 -4.40
N ILE A 300 18.86 -9.48 -4.99
CA ILE A 300 17.44 -9.16 -5.06
C ILE A 300 17.12 -8.93 -6.53
N PHE A 301 16.08 -9.59 -7.02
CA PHE A 301 15.67 -9.46 -8.40
C PHE A 301 14.24 -8.92 -8.41
N ILE A 302 13.93 -8.05 -9.36
CA ILE A 302 12.57 -7.50 -9.53
C ILE A 302 12.22 -7.65 -11.00
N ASN A 303 11.08 -8.28 -11.26
CA ASN A 303 10.69 -8.68 -12.62
C ASN A 303 11.87 -9.23 -13.41
N ASN A 304 12.55 -10.22 -12.82
CA ASN A 304 13.66 -10.95 -13.40
C ASN A 304 14.90 -10.11 -13.68
N ARG A 305 14.92 -8.85 -13.26
CA ARG A 305 16.05 -7.97 -13.50
C ARG A 305 16.78 -7.67 -12.19
N THR A 306 18.08 -7.46 -12.28
CA THR A 306 18.88 -7.32 -11.06
C THR A 306 18.63 -5.97 -10.40
N ALA A 307 18.08 -6.00 -9.18
CA ALA A 307 17.88 -4.81 -8.37
C ALA A 307 19.05 -4.52 -7.45
N GLN A 308 19.54 -5.55 -6.74
CA GLN A 308 20.79 -5.52 -5.99
C GLN A 308 21.47 -6.85 -6.20
N GLY A 309 22.66 -6.82 -6.79
CA GLY A 309 23.33 -8.07 -7.01
C GLY A 309 24.65 -7.82 -7.71
N ASP A 310 25.05 -8.76 -8.54
CA ASP A 310 26.37 -8.66 -9.17
C ASP A 310 27.41 -8.34 -8.09
N THR A 311 28.19 -7.28 -8.28
CA THR A 311 29.28 -6.94 -7.34
C THR A 311 28.80 -6.08 -6.18
N ASN A 312 27.50 -5.80 -6.08
CA ASN A 312 26.96 -5.02 -4.98
C ASN A 312 25.67 -5.65 -4.44
N PRO A 313 25.75 -6.86 -3.90
CA PRO A 313 24.56 -7.51 -3.34
C PRO A 313 24.14 -6.85 -2.02
N ALA A 314 22.90 -7.15 -1.62
CA ALA A 314 22.40 -6.65 -0.34
C ALA A 314 23.14 -7.31 0.83
N ASP A 315 23.56 -6.48 1.78
CA ASP A 315 24.13 -6.92 3.06
C ASP A 315 23.52 -5.96 4.08
N ILE A 316 22.54 -6.44 4.84
CA ILE A 316 21.78 -5.52 5.70
C ILE A 316 22.72 -4.81 6.67
N LEU A 317 23.56 -5.56 7.37
CA LEU A 317 24.54 -4.97 8.28
C LEU A 317 25.54 -4.10 7.54
N GLY A 318 25.91 -4.48 6.33
CA GLY A 318 26.70 -3.58 5.48
C GLY A 318 26.03 -2.25 5.27
N TRP A 319 24.70 -2.23 5.23
CA TRP A 319 23.96 -0.98 5.03
C TRP A 319 23.76 -0.20 6.32
N THR A 320 23.42 -0.90 7.42
CA THR A 320 22.98 -0.23 8.64
C THR A 320 24.09 0.00 9.64
N GLY A 321 25.08 -0.88 9.71
CA GLY A 321 26.16 -0.77 10.65
C GLY A 321 25.92 -1.37 12.02
N GLY A 322 24.80 -2.06 12.23
CA GLY A 322 24.57 -2.68 13.53
C GLY A 322 23.28 -3.47 13.65
N LYS A 323 23.24 -4.46 14.55
CA LYS A 323 22.00 -5.15 14.83
C LYS A 323 20.98 -4.17 15.38
N GLY A 324 19.71 -4.41 15.05
CA GLY A 324 18.64 -3.58 15.54
C GLY A 324 18.52 -2.23 14.87
N ILE A 325 19.39 -1.91 13.92
CA ILE A 325 19.25 -0.65 13.19
C ILE A 325 18.45 -0.95 11.93
N PRO A 326 17.38 -0.21 11.66
CA PRO A 326 16.55 -0.46 10.48
C PRO A 326 17.01 0.38 9.29
N THR A 327 16.61 -0.05 8.10
CA THR A 327 16.79 0.77 6.91
C THR A 327 15.80 0.29 5.86
N TYR A 328 15.81 0.96 4.71
CA TYR A 328 14.99 0.50 3.62
C TYR A 328 15.63 0.98 2.34
N LYS A 329 15.27 0.35 1.23
CA LYS A 329 15.72 0.87 -0.05
C LYS A 329 14.55 0.88 -1.02
N ASP A 330 14.46 1.94 -1.82
CA ASP A 330 13.45 2.09 -2.85
C ASP A 330 13.98 1.70 -4.22
N TYR A 331 13.23 0.87 -4.92
CA TYR A 331 13.53 0.49 -6.30
C TYR A 331 12.34 0.85 -7.17
N ALA A 332 12.61 1.31 -8.38
CA ALA A 332 11.59 1.72 -9.33
C ALA A 332 11.62 0.81 -10.55
N ILE A 333 10.45 0.32 -10.93
CA ILE A 333 10.28 -0.61 -12.04
C ILE A 333 9.09 -0.14 -12.86
N TYR A 334 9.28 -0.02 -14.17
CA TYR A 334 8.17 0.28 -15.07
C TYR A 334 7.54 -1.02 -15.57
N VAL A 335 6.21 -1.12 -15.45
CA VAL A 335 5.49 -2.33 -15.78
C VAL A 335 4.65 -2.04 -17.03
N ASP A 336 4.96 -2.68 -18.16
CA ASP A 336 4.05 -2.67 -19.32
C ASP A 336 3.96 -4.11 -19.85
N ALA A 337 3.29 -4.29 -21.00
CA ALA A 337 3.10 -5.62 -21.57
C ALA A 337 4.43 -6.30 -21.86
N ASN A 338 5.52 -5.55 -21.69
CA ASN A 338 6.87 -6.11 -21.61
C ASN A 338 6.99 -7.18 -20.52
N THR A 339 6.52 -6.90 -19.28
CA THR A 339 6.85 -7.66 -18.06
C THR A 339 6.21 -9.01 -17.95
N GLY A 340 4.88 -9.00 -17.79
CA GLY A 340 4.18 -10.03 -17.04
C GLY A 340 4.16 -11.39 -17.65
N GLY A 341 3.18 -12.18 -17.21
CA GLY A 341 2.12 -11.65 -16.37
C GLY A 341 1.16 -10.81 -17.19
N GLY A 342 1.41 -10.77 -18.51
CA GLY A 342 0.72 -9.89 -19.43
C GLY A 342 0.76 -8.45 -18.98
N GLY A 343 1.93 -7.99 -18.55
CA GLY A 343 2.12 -6.62 -18.07
C GLY A 343 1.44 -6.27 -16.76
N GLU A 344 0.97 -7.24 -15.99
CA GLU A 344 0.20 -6.93 -14.80
C GLU A 344 0.75 -7.65 -13.58
N GLU A 345 2.06 -7.89 -13.55
CA GLU A 345 2.66 -8.62 -12.46
C GLU A 345 4.00 -8.00 -12.07
N ILE A 346 4.22 -7.92 -10.76
CA ILE A 346 5.53 -7.65 -10.20
C ILE A 346 5.96 -8.89 -9.45
N SER A 347 7.19 -9.36 -9.73
CA SER A 347 7.79 -10.43 -8.95
C SER A 347 9.01 -9.91 -8.22
N LEU A 348 9.20 -10.37 -6.99
CA LEU A 348 10.31 -9.99 -6.15
C LEU A 348 10.97 -11.29 -5.71
N GLN A 349 12.28 -11.42 -5.98
CA GLN A 349 13.00 -12.65 -5.67
C GLN A 349 14.33 -12.34 -4.97
N MET A 350 14.67 -13.19 -4.00
CA MET A 350 15.90 -13.08 -3.22
C MET A 350 16.59 -14.43 -3.14
N THR A 351 17.92 -14.43 -3.30
CA THR A 351 18.71 -15.65 -3.19
C THR A 351 20.11 -15.28 -2.70
N PRO A 352 20.80 -16.18 -2.00
CA PRO A 352 22.15 -15.84 -1.50
C PRO A 352 23.08 -15.50 -2.64
N SER A 353 24.04 -14.61 -2.35
CA SER A 353 25.20 -14.38 -3.21
C SER A 353 26.45 -14.99 -2.57
N THR A 354 27.34 -15.51 -3.41
CA THR A 354 28.65 -15.93 -2.93
C THR A 354 29.70 -14.85 -3.07
N PHE A 355 29.30 -13.64 -3.46
CA PHE A 355 30.30 -12.60 -3.67
C PHE A 355 30.91 -12.14 -2.36
N GLY A 356 32.23 -12.13 -2.29
CA GLY A 356 32.92 -11.75 -1.07
C GLY A 356 33.07 -12.84 -0.05
N GLN A 357 32.63 -14.07 -0.35
CA GLN A 357 32.73 -15.23 0.53
C GLN A 357 32.00 -14.95 1.86
N PRO A 358 30.70 -14.73 1.86
CA PRO A 358 30.00 -14.48 3.13
C PRO A 358 30.05 -15.72 4.02
N GLU A 359 29.91 -15.49 5.33
CA GLU A 359 29.92 -16.62 6.27
C GLU A 359 28.75 -17.58 6.04
N TYR A 360 27.57 -17.05 5.73
CA TYR A 360 26.39 -17.88 5.47
C TYR A 360 25.84 -17.62 4.08
N TYR A 361 24.98 -18.54 3.63
CA TYR A 361 24.20 -18.38 2.40
C TYR A 361 22.74 -18.19 2.81
N ASP A 362 22.28 -16.95 2.84
CA ASP A 362 20.89 -16.71 3.21
C ASP A 362 20.45 -15.35 2.66
N SER A 363 19.17 -15.03 2.86
CA SER A 363 18.59 -13.77 2.41
C SER A 363 17.48 -13.41 3.38
N GLN A 364 17.07 -12.13 3.38
CA GLN A 364 16.09 -11.69 4.37
C GLN A 364 15.37 -10.44 3.91
N LEU A 365 14.09 -10.33 4.29
CA LEU A 365 13.25 -9.15 4.05
C LEU A 365 12.35 -8.95 5.27
N ASN A 366 12.24 -7.71 5.77
CA ASN A 366 11.42 -7.43 6.96
C ASN A 366 10.09 -6.75 6.62
N GLY A 367 10.01 -6.02 5.51
CA GLY A 367 8.81 -5.30 5.14
C GLY A 367 8.83 -4.97 3.67
N LEU A 368 7.64 -4.71 3.13
CA LEU A 368 7.53 -4.37 1.73
C LEU A 368 6.34 -3.44 1.53
N GLU A 369 6.57 -2.35 0.80
CA GLU A 369 5.51 -1.47 0.34
C GLU A 369 5.69 -1.25 -1.15
N ILE A 370 4.56 -1.27 -1.87
CA ILE A 370 4.58 -1.06 -3.32
C ILE A 370 3.64 0.09 -3.64
N PHE A 371 4.17 1.11 -4.34
CA PHE A 371 3.38 2.27 -4.71
C PHE A 371 3.40 2.47 -6.22
N LYS A 372 2.23 2.79 -6.77
CA LYS A 372 2.08 3.26 -8.14
C LYS A 372 2.32 4.75 -8.19
N ILE A 373 3.20 5.17 -9.07
CA ILE A 373 3.51 6.57 -9.33
C ILE A 373 2.55 7.12 -10.36
N ASP A 374 2.08 8.34 -10.16
CA ASP A 374 1.11 8.88 -11.09
C ASP A 374 1.82 9.35 -12.36
N THR A 375 1.21 9.06 -13.50
CA THR A 375 1.67 9.54 -14.79
C THR A 375 0.47 10.11 -15.54
N MET A 376 0.69 11.29 -16.14
CA MET A 376 -0.33 12.00 -16.91
C MET A 376 -1.55 12.34 -16.05
N LYS A 377 -1.28 12.75 -14.81
CA LYS A 377 -2.29 13.18 -13.85
C LYS A 377 -3.35 12.09 -13.65
N ASN A 378 -2.89 10.83 -13.67
CA ASN A 378 -3.78 9.68 -13.61
C ASN A 378 -3.16 8.55 -12.81
N LEU A 379 -3.97 7.94 -11.94
CA LEU A 379 -3.61 6.72 -11.23
C LEU A 379 -4.59 5.59 -11.47
N ALA A 380 -5.61 5.78 -12.30
CA ALA A 380 -6.68 4.80 -12.47
C ALA A 380 -6.28 3.69 -13.43
N GLY A 381 -6.63 2.46 -13.09
CA GLY A 381 -6.47 1.35 -13.98
C GLY A 381 -7.81 0.67 -14.25
N PRO A 382 -7.80 -0.37 -15.08
CA PRO A 382 -9.05 -1.06 -15.40
C PRO A 382 -9.54 -1.84 -14.19
N ASN A 383 -10.79 -2.28 -14.26
CA ASN A 383 -11.28 -3.18 -13.24
C ASN A 383 -10.70 -4.58 -13.47
N PRO A 384 -10.41 -5.31 -12.39
CA PRO A 384 -9.90 -6.68 -12.58
C PRO A 384 -10.97 -7.56 -13.17
N LYS A 385 -10.53 -8.72 -13.67
CA LYS A 385 -11.47 -9.68 -14.23
C LYS A 385 -11.69 -10.78 -13.20
N PRO A 386 -12.92 -11.00 -12.74
CA PRO A 386 -13.16 -12.15 -11.87
C PRO A 386 -13.34 -13.41 -12.71
N SER A 387 -12.86 -14.54 -12.18
CA SER A 387 -13.14 -15.81 -12.83
C SER A 387 -13.61 -16.82 -11.78
C1 NAG B . -15.73 -0.19 -17.63
C2 NAG B . -15.44 -0.39 -19.10
C3 NAG B . -16.09 -1.69 -19.59
C4 NAG B . -15.65 -2.88 -18.75
C5 NAG B . -15.81 -2.59 -17.25
C6 NAG B . -15.06 -3.58 -16.39
C7 NAG B . -15.11 1.71 -20.34
C8 NAG B . -15.78 2.80 -21.12
N2 NAG B . -15.92 0.74 -19.89
O3 NAG B . -15.73 -1.92 -20.95
O4 NAG B . -16.44 -4.01 -19.12
O5 NAG B . -15.28 -1.30 -16.90
O6 NAG B . -15.94 -4.42 -15.66
O7 NAG B . -13.90 1.70 -20.14
C1 NAG B . -15.71 -5.27 -19.23
C2 NAG B . -16.72 -6.41 -19.23
C3 NAG B . -16.01 -7.76 -19.42
C4 NAG B . -15.08 -7.75 -20.62
C5 NAG B . -14.15 -6.54 -20.55
C6 NAG B . -13.28 -6.36 -21.78
C7 NAG B . -18.78 -6.03 -17.95
C8 NAG B . -19.43 -6.10 -16.60
N2 NAG B . -17.50 -6.42 -18.01
O3 NAG B . -16.98 -8.80 -19.56
O4 NAG B . -14.35 -8.97 -20.59
O5 NAG B . -14.91 -5.33 -20.43
O6 NAG B . -13.88 -5.47 -22.70
O7 NAG B . -19.38 -5.64 -18.94
C1 BMA B . -14.06 -9.66 -21.85
C2 BMA B . -12.70 -10.28 -21.58
C3 BMA B . -12.18 -10.98 -22.82
C4 BMA B . -13.15 -12.06 -23.23
C5 BMA B . -14.56 -11.44 -23.46
C6 BMA B . -15.62 -12.47 -23.80
O2 BMA B . -12.81 -11.27 -20.56
O3 BMA B . -10.88 -11.54 -22.59
O4 BMA B . -12.68 -12.70 -24.41
O5 BMA B . -14.99 -10.67 -22.25
O6 BMA B . -15.76 -13.34 -22.69
C1 NAG C . 16.28 -16.60 -8.91
C2 NAG C . 16.48 -17.72 -9.89
C3 NAG C . 17.39 -17.26 -10.99
C4 NAG C . 16.73 -16.11 -11.75
C5 NAG C . 15.97 -15.10 -10.90
C6 NAG C . 14.64 -14.78 -11.55
C7 NAG C . 18.19 -18.96 -8.60
C8 NAG C . 18.56 -20.28 -8.00
N2 NAG C . 17.02 -18.91 -9.23
O3 NAG C . 17.56 -18.35 -11.88
O4 NAG C . 17.70 -15.42 -12.53
O5 NAG C . 15.62 -15.53 -9.56
O6 NAG C . 14.68 -13.62 -12.36
O7 NAG C . 18.92 -17.97 -8.49
C1 NAG C . 17.10 -15.50 -13.83
C2 NAG C . 17.93 -14.74 -14.85
C3 NAG C . 17.31 -14.91 -16.22
C4 NAG C . 17.16 -16.40 -16.56
C5 NAG C . 16.45 -17.15 -15.42
C6 NAG C . 16.49 -18.65 -15.59
C7 NAG C . 19.21 -12.79 -14.11
C8 NAG C . 19.16 -11.33 -13.78
N2 NAG C . 18.05 -13.34 -14.49
O3 NAG C . 18.11 -14.27 -17.21
O4 NAG C . 16.40 -16.55 -17.75
O5 NAG C . 17.07 -16.87 -14.16
O6 NAG C . 16.52 -19.30 -14.32
O7 NAG C . 20.25 -13.44 -14.05
C1 NAG D . -0.45 0.68 -22.57
C2 NAG D . -1.96 0.65 -22.90
C3 NAG D . -2.21 0.31 -24.37
C4 NAG D . -1.39 1.21 -25.30
C5 NAG D . 0.07 1.10 -24.91
C6 NAG D . 1.00 1.97 -25.73
C7 NAG D . -3.53 0.06 -21.10
C8 NAG D . -4.18 -1.04 -20.33
N2 NAG D . -2.66 -0.29 -22.04
O3 NAG D . -3.60 0.44 -24.65
O4 NAG D . -1.57 0.78 -26.65
O5 NAG D . 0.24 1.50 -23.54
O6 NAG D . 0.52 3.30 -25.88
O7 NAG D . -3.79 1.25 -20.87
C1 NAG D . -2.02 1.79 -27.61
C2 NAG D . -1.56 1.39 -29.02
C3 NAG D . -2.09 2.37 -30.07
C4 NAG D . -3.60 2.59 -29.94
C5 NAG D . -3.94 2.97 -28.50
C6 NAG D . -5.42 3.13 -28.23
C7 NAG D . 0.59 0.24 -28.68
C8 NAG D . 2.08 0.34 -28.83
N2 NAG D . -0.11 1.30 -29.09
O3 NAG D . -1.75 1.92 -31.37
O4 NAG D . -3.99 3.62 -30.85
O5 NAG D . -3.46 1.97 -27.59
O6 NAG D . -5.99 1.93 -27.72
O7 NAG D . 0.05 -0.75 -28.20
C1 BMA D . -5.27 3.48 -31.55
C2 BMA D . -5.75 4.92 -31.99
C3 BMA D . -6.54 4.97 -33.36
C4 BMA D . -7.21 3.63 -33.82
C5 BMA D . -6.56 2.35 -33.20
C6 BMA D . -6.47 1.18 -34.19
O2 BMA D . -4.64 5.81 -32.13
O3 BMA D . -5.76 5.54 -34.45
O4 BMA D . -8.62 3.69 -33.57
O5 BMA D . -5.22 2.64 -32.69
O6 BMA D . -5.97 0.03 -33.50
C1 NAG E . 10.17 -13.69 -15.67
C2 NAG E . 9.21 -13.07 -16.72
C3 NAG E . 7.90 -13.86 -16.80
C4 NAG E . 8.22 -15.33 -17.08
C5 NAG E . 9.17 -15.87 -16.02
C6 NAG E . 9.59 -17.31 -16.29
C7 NAG E . 8.43 -10.98 -15.50
C8 NAG E . 7.95 -11.79 -14.33
N2 NAG E . 8.98 -11.64 -16.54
O3 NAG E . 7.09 -13.34 -17.84
O4 NAG E . 7.02 -16.09 -17.11
O5 NAG E . 10.37 -15.09 -15.97
O6 NAG E . 8.54 -18.22 -15.98
O7 NAG E . 8.32 -9.76 -15.52
#